data_9DGI
#
_entry.id   9DGI
#
loop_
_entity.id
_entity.type
_entity.pdbx_description
1 polymer 'Cannabinoid receptor 1'
2 non-polymer 'methyl (2R)-2-({(1M)-5-methyl-1-[3-(trifluoromethyl)phenyl]-1H-pyrazole-3-carbonyl}amino)-2-(thiophen-2-yl)propanoate'
#
_entity_poly.entity_id   1
_entity_poly.type   'polypeptide(L)'
_entity_poly.pdbx_seq_one_letter_code
;DYKDDDDAMKSILDGLADTTFRTITTDLLYVGSNDIQYEDIKGDMASKLGYFPQKFPLTSFRGSPFQEKMTAGDNPQLVP
ADQVNITEFYNKSLSENLYFQGSFKENEENIQCGENFMDIECFMVLNPSQQLAIAVLSLTLGTFTVLENLLVLCVILHSR
SLRCRPSYHFIGSLAVADLLGSVIFVYSFIDFHVFHRKDSRNVFLFKLGGVTASFTASVGSLFLTAIDRYISIHRPLAYK
RIVTRPKAVVAFCLMWTIAIVIAVLPLLGWNCEKLQSVCSDIFPHIDETYLMFWIGVTSVLLLFIVYAYMYILWKAHSHA
VRMIQRGTQKSIIIHTSEDGKVQVTRPDQARMDIRLAKTLVLILVVLIICWGPLLAIMVYDVFGKMNKLIKTVFAFCSML
CLLNSTVNPIIYALRSKDLRHAFRSMFPSCEGTAQPLDNSMGDSDCLHKHANNAASVHRAAESCIKSTVKIAKVTMSVST
DTSAEALGSHHHHHH
;
_entity_poly.pdbx_strand_id   R
#
loop_
_chem_comp.id
_chem_comp.type
_chem_comp.name
_chem_comp.formula
YVF non-polymer 'methyl (2R)-2-({(1M)-5-methyl-1-[3-(trifluoromethyl)phenyl]-1H-pyrazole-3-carbonyl}amino)-2-(thiophen-2-yl)propanoate' 'C20 H18 F3 N3 O3 S'
#
# COMPACT_ATOMS: atom_id res chain seq x y z
N PHE A 123 -19.84 10.77 -13.26
CA PHE A 123 -21.26 10.61 -13.02
C PHE A 123 -21.45 9.20 -12.45
N MET A 124 -22.66 8.88 -11.98
CA MET A 124 -22.90 7.65 -11.24
C MET A 124 -23.85 6.73 -12.02
N VAL A 125 -23.28 5.94 -12.94
CA VAL A 125 -24.02 4.91 -13.65
C VAL A 125 -23.17 3.65 -13.69
N LEU A 126 -23.50 2.66 -12.85
CA LEU A 126 -22.92 1.34 -13.03
C LEU A 126 -23.96 0.37 -13.61
N ASN A 127 -25.07 0.14 -12.88
CA ASN A 127 -26.16 -0.77 -13.21
C ASN A 127 -27.20 -0.67 -12.10
N PRO A 128 -28.42 -1.19 -12.30
CA PRO A 128 -29.28 -1.50 -11.16
C PRO A 128 -29.06 -2.93 -10.68
N SER A 129 -28.34 -3.72 -11.49
CA SER A 129 -28.16 -5.15 -11.24
C SER A 129 -26.84 -5.45 -10.54
N GLN A 130 -25.79 -4.71 -10.86
CA GLN A 130 -24.48 -4.95 -10.27
C GLN A 130 -24.24 -4.05 -9.06
N GLN A 131 -25.33 -3.61 -8.43
CA GLN A 131 -25.25 -2.76 -7.24
C GLN A 131 -25.84 -3.44 -6.02
N LEU A 132 -25.87 -4.77 -6.01
CA LEU A 132 -26.42 -5.53 -4.89
C LEU A 132 -25.48 -6.66 -4.47
N ALA A 133 -24.23 -6.63 -4.90
CA ALA A 133 -23.27 -7.66 -4.55
C ALA A 133 -22.06 -7.03 -3.88
N ILE A 134 -21.78 -5.77 -4.19
CA ILE A 134 -20.67 -5.03 -3.59
C ILE A 134 -21.00 -4.78 -2.13
N ALA A 135 -22.30 -4.63 -1.83
CA ALA A 135 -22.73 -4.46 -0.44
C ALA A 135 -22.51 -5.72 0.39
N VAL A 136 -22.42 -6.89 -0.24
CA VAL A 136 -22.10 -8.12 0.47
C VAL A 136 -20.60 -8.38 0.38
N LEU A 137 -19.98 -7.95 -0.72
CA LEU A 137 -18.55 -8.15 -0.90
C LEU A 137 -17.73 -7.25 0.03
N SER A 138 -18.19 -6.01 0.22
CA SER A 138 -17.44 -5.09 1.07
C SER A 138 -17.69 -5.32 2.55
N LEU A 139 -18.63 -6.19 2.91
CA LEU A 139 -18.86 -6.60 4.28
C LEU A 139 -18.09 -7.86 4.64
N THR A 140 -17.38 -8.45 3.69
CA THR A 140 -16.53 -9.61 3.96
C THR A 140 -15.08 -9.33 3.60
N LEU A 141 -14.80 -8.38 2.71
CA LEU A 141 -13.44 -7.92 2.52
C LEU A 141 -13.23 -6.58 3.21
N GLY A 142 -14.14 -6.20 4.10
CA GLY A 142 -14.02 -4.93 4.78
C GLY A 142 -14.00 -5.02 6.29
N THR A 143 -14.55 -6.11 6.85
CA THR A 143 -14.55 -6.29 8.29
C THR A 143 -13.38 -7.13 8.79
N PHE A 144 -12.69 -7.86 7.91
CA PHE A 144 -11.49 -8.56 8.33
C PHE A 144 -10.28 -7.64 8.36
N THR A 145 -10.16 -6.77 7.36
CA THR A 145 -9.08 -5.79 7.30
C THR A 145 -9.08 -4.81 8.47
N VAL A 146 -10.27 -4.56 9.06
CA VAL A 146 -10.35 -3.84 10.32
C VAL A 146 -9.93 -4.73 11.48
N LEU A 147 -10.39 -5.99 11.48
CA LEU A 147 -10.14 -6.88 12.60
C LEU A 147 -8.82 -7.62 12.51
N GLU A 148 -7.98 -7.30 11.51
CA GLU A 148 -6.65 -7.91 11.46
C GLU A 148 -5.57 -6.86 11.69
N ASN A 149 -5.73 -5.66 11.11
CA ASN A 149 -4.77 -4.58 11.32
C ASN A 149 -4.85 -4.00 12.73
N LEU A 150 -5.87 -4.37 13.48
CA LEU A 150 -6.02 -3.90 14.87
C LEU A 150 -5.29 -4.88 15.81
N LEU A 151 -5.46 -6.18 15.58
CA LEU A 151 -4.82 -7.21 16.40
C LEU A 151 -3.31 -7.24 16.20
N VAL A 152 -2.82 -6.86 15.03
CA VAL A 152 -1.40 -6.76 14.74
C VAL A 152 -0.81 -5.64 15.59
N LEU A 153 -1.60 -4.59 15.85
CA LEU A 153 -1.14 -3.52 16.71
C LEU A 153 -1.47 -3.84 18.18
N CYS A 154 -1.85 -5.08 18.49
CA CYS A 154 -2.10 -5.53 19.85
C CYS A 154 -1.02 -6.51 20.28
N VAL A 155 -0.01 -6.72 19.43
CA VAL A 155 1.16 -7.51 19.78
C VAL A 155 2.42 -6.72 19.46
N ILE A 156 2.34 -5.40 19.62
CA ILE A 156 3.50 -4.54 19.48
C ILE A 156 3.39 -3.38 20.47
N ARG A 163 9.02 -6.81 20.68
CA ARG A 163 8.12 -5.69 20.42
C ARG A 163 8.82 -4.59 19.62
N CYS A 164 8.83 -3.37 20.14
CA CYS A 164 9.21 -2.18 19.38
C CYS A 164 10.74 -2.04 19.31
N ARG A 165 11.28 -2.24 18.12
CA ARG A 165 12.66 -2.04 17.71
C ARG A 165 12.64 -1.21 16.43
N PRO A 166 13.73 -0.45 16.08
CA PRO A 166 13.60 0.58 15.03
C PRO A 166 13.31 0.11 13.60
N SER A 167 13.07 -1.18 13.39
CA SER A 167 12.45 -1.60 12.14
C SER A 167 11.03 -2.13 12.35
N TYR A 168 10.46 -1.99 13.54
CA TYR A 168 9.05 -2.30 13.78
C TYR A 168 8.21 -1.04 13.95
N HIS A 169 8.78 0.13 13.70
CA HIS A 169 8.01 1.36 13.57
C HIS A 169 7.44 1.48 12.16
N PHE A 170 8.22 1.06 11.16
CA PHE A 170 7.82 1.18 9.76
C PHE A 170 6.72 0.19 9.40
N ILE A 171 6.65 -0.96 10.07
CA ILE A 171 5.57 -1.91 9.90
C ILE A 171 4.35 -1.49 10.71
N GLY A 172 4.52 -0.59 11.68
CA GLY A 172 3.41 -0.11 12.46
C GLY A 172 2.66 1.01 11.77
N SER A 173 3.36 1.83 10.99
CA SER A 173 2.73 2.98 10.35
C SER A 173 2.06 2.62 9.03
N LEU A 174 2.04 1.33 8.68
CA LEU A 174 1.18 0.88 7.58
C LEU A 174 0.14 -0.11 8.09
N ALA A 175 0.07 -0.33 9.39
CA ALA A 175 -1.06 -1.01 10.00
C ALA A 175 -2.00 -0.03 10.68
N VAL A 176 -1.60 1.23 10.80
CA VAL A 176 -2.50 2.30 11.22
C VAL A 176 -2.97 3.12 10.01
N ALA A 177 -2.23 3.07 8.91
CA ALA A 177 -2.63 3.72 7.67
C ALA A 177 -3.46 2.82 6.78
N ASP A 178 -3.78 1.62 7.25
CA ASP A 178 -4.71 0.76 6.53
C ASP A 178 -5.91 0.41 7.39
N LEU A 179 -6.06 1.06 8.55
CA LEU A 179 -7.27 1.01 9.35
C LEU A 179 -8.11 2.27 9.19
N LEU A 180 -7.47 3.39 8.82
CA LEU A 180 -8.15 4.63 8.48
C LEU A 180 -8.58 4.68 7.03
N GLY A 181 -7.78 4.10 6.13
CA GLY A 181 -8.11 4.08 4.72
C GLY A 181 -9.15 3.06 4.35
N SER A 182 -9.55 2.23 5.32
CA SER A 182 -10.61 1.24 5.12
C SER A 182 -11.87 1.58 5.90
N VAL A 183 -11.98 2.81 6.40
CA VAL A 183 -13.23 3.30 6.96
C VAL A 183 -13.79 4.47 6.16
N ILE A 184 -12.97 5.43 5.75
CA ILE A 184 -13.41 6.51 4.86
C ILE A 184 -13.80 5.99 3.48
N PHE A 185 -13.12 4.97 2.97
CA PHE A 185 -13.41 4.42 1.66
C PHE A 185 -14.70 3.59 1.68
N VAL A 186 -14.91 2.80 2.72
CA VAL A 186 -16.04 1.87 2.76
C VAL A 186 -17.30 2.66 3.13
N TYR A 187 -17.11 3.85 3.66
CA TYR A 187 -18.25 4.72 3.90
C TYR A 187 -18.61 5.60 2.71
N SER A 188 -17.62 6.01 1.92
CA SER A 188 -17.90 6.87 0.77
C SER A 188 -18.41 6.06 -0.42
N PHE A 189 -17.85 4.89 -0.65
CA PHE A 189 -18.15 4.08 -1.82
C PHE A 189 -19.53 3.44 -1.73
N ILE A 190 -19.97 3.15 -0.50
CA ILE A 190 -21.28 2.54 -0.29
C ILE A 190 -22.32 3.66 -0.26
N ASP A 191 -21.85 4.91 -0.27
CA ASP A 191 -22.73 6.08 -0.28
C ASP A 191 -22.96 6.56 -1.70
N PHE A 192 -21.99 6.41 -2.60
CA PHE A 192 -22.06 7.13 -3.86
C PHE A 192 -22.73 6.33 -4.97
N HIS A 193 -22.53 5.00 -5.01
CA HIS A 193 -23.10 4.19 -6.07
C HIS A 193 -24.37 3.47 -5.64
N VAL A 194 -24.30 2.60 -4.63
CA VAL A 194 -25.48 2.10 -3.95
C VAL A 194 -25.83 3.20 -2.95
N PHE A 195 -26.97 3.11 -2.26
CA PHE A 195 -27.95 4.19 -2.04
C PHE A 195 -27.43 5.61 -2.12
N HIS A 196 -28.06 6.39 -3.00
CA HIS A 196 -27.49 7.57 -3.63
C HIS A 196 -27.47 8.77 -2.68
N ARG A 197 -26.53 9.67 -2.93
CA ARG A 197 -26.37 10.89 -2.17
C ARG A 197 -25.58 11.90 -3.00
N LYS A 198 -25.95 13.17 -2.87
CA LYS A 198 -25.29 14.27 -3.58
C LYS A 198 -24.44 15.09 -2.62
N ASP A 199 -23.66 16.01 -3.18
CA ASP A 199 -22.74 16.81 -2.38
C ASP A 199 -22.47 18.13 -3.11
N SER A 200 -21.46 18.87 -2.65
CA SER A 200 -21.09 20.14 -3.27
C SER A 200 -19.57 20.19 -3.40
N ARG A 201 -19.06 21.34 -3.83
CA ARG A 201 -17.66 21.43 -4.24
C ARG A 201 -16.68 21.55 -3.08
N ASN A 202 -17.19 21.55 -1.84
CA ASN A 202 -16.33 21.67 -0.66
C ASN A 202 -16.64 20.55 0.32
N VAL A 203 -17.85 19.98 0.23
CA VAL A 203 -18.20 18.85 1.07
C VAL A 203 -17.64 17.55 0.50
N PHE A 204 -17.65 17.42 -0.82
CA PHE A 204 -17.24 16.17 -1.47
C PHE A 204 -15.74 16.03 -1.51
N LEU A 205 -15.02 17.12 -1.79
CA LEU A 205 -13.57 17.08 -1.88
C LEU A 205 -12.91 16.88 -0.52
N PHE A 206 -13.66 17.10 0.57
CA PHE A 206 -13.18 16.78 1.90
C PHE A 206 -13.19 15.29 2.20
N LYS A 207 -14.19 14.55 1.69
CA LYS A 207 -14.16 13.09 1.84
C LYS A 207 -13.17 12.46 0.86
N LEU A 208 -12.89 13.15 -0.24
CA LEU A 208 -11.97 12.63 -1.24
C LEU A 208 -10.53 12.91 -0.83
N GLY A 209 -10.35 13.74 0.18
CA GLY A 209 -9.02 14.01 0.70
C GLY A 209 -8.68 13.07 1.84
N GLY A 210 -9.62 12.20 2.18
CA GLY A 210 -9.39 11.20 3.21
C GLY A 210 -9.25 9.81 2.64
N VAL A 211 -9.11 9.72 1.32
CA VAL A 211 -8.88 8.45 0.66
C VAL A 211 -7.70 8.64 -0.28
N THR A 212 -7.32 9.90 -0.50
CA THR A 212 -6.12 10.24 -1.25
C THR A 212 -4.90 10.38 -0.34
N ALA A 213 -5.08 10.92 0.87
CA ALA A 213 -4.00 11.01 1.84
C ALA A 213 -3.82 9.73 2.64
N SER A 214 -4.69 8.74 2.47
CA SER A 214 -4.56 7.45 3.14
C SER A 214 -4.21 6.32 2.18
N PHE A 215 -4.11 6.62 0.88
CA PHE A 215 -3.59 5.65 -0.06
C PHE A 215 -2.23 6.04 -0.61
N THR A 216 -1.66 7.15 -0.16
CA THR A 216 -0.26 7.46 -0.38
C THR A 216 0.51 7.51 0.93
N ALA A 217 -0.16 7.31 2.05
CA ALA A 217 0.49 7.01 3.33
C ALA A 217 0.50 5.51 3.59
N SER A 218 0.04 4.71 2.62
CA SER A 218 0.21 3.27 2.64
C SER A 218 1.10 2.79 1.52
N VAL A 219 1.59 3.69 0.65
CA VAL A 219 2.60 3.38 -0.34
C VAL A 219 3.95 3.97 0.04
N GLY A 220 3.98 5.11 0.72
CA GLY A 220 5.22 5.65 1.22
C GLY A 220 5.76 4.87 2.39
N SER A 221 4.89 4.10 3.06
CA SER A 221 5.35 3.21 4.12
C SER A 221 5.95 1.93 3.55
N LEU A 222 5.53 1.55 2.33
CA LEU A 222 6.13 0.40 1.65
C LEU A 222 7.46 0.79 1.02
N PHE A 223 7.73 2.10 0.97
CA PHE A 223 9.00 2.62 0.49
C PHE A 223 10.01 2.74 1.61
N LEU A 224 9.57 2.65 2.86
CA LEU A 224 10.49 2.73 3.98
C LEU A 224 10.94 1.37 4.49
N THR A 225 10.11 0.34 4.36
CA THR A 225 10.62 -1.00 4.66
C THR A 225 11.42 -1.58 3.54
N ALA A 226 11.50 -0.94 2.36
CA ALA A 226 12.34 -1.43 1.28
C ALA A 226 13.57 -0.55 1.11
N ILE A 227 13.71 0.48 1.95
CA ILE A 227 14.94 1.22 2.08
C ILE A 227 15.64 0.93 3.40
N ASP A 228 14.94 0.26 4.33
CA ASP A 228 15.56 -0.27 5.54
C ASP A 228 16.15 -1.65 5.33
N ARG A 229 15.58 -2.46 4.44
CA ARG A 229 16.10 -3.77 4.08
C ARG A 229 17.13 -3.70 2.97
N TYR A 230 17.53 -2.50 2.55
CA TYR A 230 18.54 -2.30 1.52
C TYR A 230 19.86 -1.83 2.13
N ILE A 231 19.85 -1.35 3.36
CA ILE A 231 21.07 -0.86 3.99
C ILE A 231 21.42 -1.89 5.06
N SER A 232 21.07 -3.15 4.78
CA SER A 232 21.41 -4.22 5.69
C SER A 232 22.13 -5.37 4.99
N ILE A 233 22.17 -5.38 3.66
CA ILE A 233 22.87 -6.43 2.91
C ILE A 233 23.86 -5.73 1.98
N HIS A 234 23.60 -4.48 1.65
CA HIS A 234 24.53 -3.70 0.86
C HIS A 234 25.71 -3.14 1.66
N ARG A 235 25.47 -2.71 2.89
CA ARG A 235 26.54 -2.38 3.83
C ARG A 235 26.18 -3.02 5.16
N PRO A 236 26.46 -4.32 5.31
CA PRO A 236 25.98 -5.04 6.51
C PRO A 236 26.76 -4.72 7.76
N LEU A 237 27.93 -4.09 7.64
CA LEU A 237 28.73 -3.71 8.79
C LEU A 237 28.09 -2.55 9.53
N ALA A 238 27.45 -1.64 8.80
CA ALA A 238 26.80 -0.46 9.38
C ALA A 238 25.30 -0.58 9.21
N TYR A 239 24.62 -1.15 10.20
CA TYR A 239 23.17 -1.15 10.29
C TYR A 239 22.76 -0.88 11.73
N LYS A 240 23.75 -0.74 12.60
CA LYS A 240 23.44 -0.45 13.99
C LYS A 240 23.95 0.93 14.33
N ARG A 241 24.54 1.60 13.34
CA ARG A 241 25.07 2.94 13.54
C ARG A 241 24.52 3.96 12.57
N ILE A 242 24.10 3.55 11.37
CA ILE A 242 23.41 4.48 10.47
C ILE A 242 21.95 4.59 10.88
N VAL A 243 21.21 3.49 10.84
CA VAL A 243 19.78 3.54 11.07
C VAL A 243 19.52 3.51 12.58
N THR A 244 19.37 4.68 13.18
CA THR A 244 19.12 4.77 14.62
C THR A 244 17.71 5.31 14.87
N ARG A 245 17.30 5.33 16.13
CA ARG A 245 16.02 5.92 16.52
C ARG A 245 15.88 7.44 16.35
N PRO A 246 16.93 8.28 16.46
CA PRO A 246 16.77 9.68 16.04
C PRO A 246 16.55 9.92 14.56
N LYS A 247 16.82 8.97 13.66
CA LYS A 247 16.55 9.16 12.24
C LYS A 247 15.51 8.18 11.73
N ALA A 248 14.81 7.49 12.63
CA ALA A 248 13.69 6.64 12.27
C ALA A 248 12.43 7.03 13.04
N VAL A 249 12.46 8.12 13.79
CA VAL A 249 11.28 8.69 14.41
C VAL A 249 10.90 10.03 13.77
N VAL A 250 11.83 10.63 13.04
CA VAL A 250 11.49 11.82 12.27
C VAL A 250 11.12 11.43 10.85
N ALA A 251 11.46 10.19 10.46
CA ALA A 251 11.34 9.78 9.06
C ALA A 251 9.88 9.55 8.68
N PHE A 252 9.08 9.00 9.59
CA PHE A 252 7.67 8.88 9.28
C PHE A 252 6.90 10.17 9.59
N CYS A 253 7.57 11.18 10.11
CA CYS A 253 6.94 12.50 10.25
C CYS A 253 7.02 13.25 8.93
N LEU A 254 8.12 13.08 8.19
CA LEU A 254 8.28 13.71 6.89
C LEU A 254 7.63 12.94 5.74
N MET A 255 6.75 11.97 6.02
CA MET A 255 5.88 11.43 5.00
C MET A 255 4.43 11.84 5.26
N TRP A 256 4.02 11.96 6.51
CA TRP A 256 2.66 12.37 6.85
C TRP A 256 2.51 13.88 6.81
N THR A 257 3.63 14.59 6.59
CA THR A 257 3.61 16.03 6.39
C THR A 257 3.88 16.41 4.94
N ILE A 258 4.00 15.43 4.05
CA ILE A 258 4.02 15.64 2.60
C ILE A 258 2.81 15.01 1.93
N ALA A 259 2.23 13.97 2.54
CA ALA A 259 1.04 13.34 2.01
C ALA A 259 -0.23 14.08 2.39
N ILE A 260 -0.13 15.10 3.26
CA ILE A 260 -1.26 15.96 3.58
C ILE A 260 -0.81 17.38 3.24
N VAL A 261 0.12 17.48 2.29
CA VAL A 261 0.48 18.76 1.70
C VAL A 261 0.43 18.60 0.19
N ILE A 262 -0.03 17.43 -0.25
CA ILE A 262 -0.27 17.13 -1.65
C ILE A 262 -1.65 16.49 -1.78
N ALA A 263 -2.46 16.62 -0.72
CA ALA A 263 -3.82 16.10 -0.74
C ALA A 263 -4.80 17.14 -0.19
N VAL A 264 -4.28 18.31 0.17
CA VAL A 264 -5.08 19.48 0.51
C VAL A 264 -4.78 20.48 -0.60
N LEU A 265 -3.84 20.10 -1.46
CA LEU A 265 -3.31 20.82 -2.62
C LEU A 265 -4.31 21.37 -3.65
N PRO A 266 -5.59 20.87 -3.78
CA PRO A 266 -6.54 21.59 -4.64
C PRO A 266 -7.02 22.98 -4.22
N LEU A 267 -6.23 23.75 -3.45
CA LEU A 267 -6.52 25.12 -3.03
C LEU A 267 -7.03 26.06 -4.13
N LEU A 268 -6.61 25.80 -5.38
CA LEU A 268 -7.10 26.37 -6.66
C LEU A 268 -8.14 27.50 -6.68
N ASP A 281 -13.96 12.36 -15.96
CA ASP A 281 -14.78 11.28 -16.48
C ASP A 281 -15.29 10.36 -15.38
N ILE A 282 -14.47 10.10 -14.37
CA ILE A 282 -14.87 9.21 -13.27
C ILE A 282 -14.74 9.91 -11.93
N PHE A 283 -13.95 10.99 -11.88
CA PHE A 283 -13.80 11.80 -10.67
C PHE A 283 -14.41 13.17 -10.94
N PRO A 284 -15.49 13.55 -10.23
CA PRO A 284 -16.33 14.69 -10.66
C PRO A 284 -15.66 16.07 -10.71
N HIS A 285 -15.19 16.60 -9.58
CA HIS A 285 -14.62 17.94 -9.56
C HIS A 285 -13.09 17.89 -9.55
N ILE A 286 -12.52 17.19 -10.53
CA ILE A 286 -11.07 17.08 -10.67
C ILE A 286 -10.69 17.29 -12.13
N ASP A 287 -9.75 18.19 -12.36
CA ASP A 287 -9.25 18.48 -13.69
C ASP A 287 -8.15 17.49 -14.07
N GLU A 288 -7.96 17.29 -15.37
CA GLU A 288 -7.11 16.21 -15.87
C GLU A 288 -5.63 16.50 -15.64
N THR A 289 -5.28 17.77 -15.42
CA THR A 289 -3.89 18.15 -15.19
C THR A 289 -3.42 17.83 -13.77
N TYR A 290 -4.30 17.27 -12.95
CA TYR A 290 -3.93 16.81 -11.61
C TYR A 290 -3.81 15.29 -11.52
N LEU A 291 -4.42 14.53 -12.42
CA LEU A 291 -4.20 13.09 -12.49
C LEU A 291 -2.95 12.72 -13.26
N MET A 292 -2.21 13.71 -13.76
CA MET A 292 -0.86 13.49 -14.27
C MET A 292 0.17 13.93 -13.25
N PHE A 293 -0.25 14.16 -12.01
CA PHE A 293 0.64 14.51 -10.91
C PHE A 293 0.65 13.41 -9.88
N TRP A 294 -0.53 12.88 -9.55
CA TRP A 294 -0.58 11.82 -8.54
C TRP A 294 -0.07 10.49 -9.08
N ILE A 295 -0.33 10.18 -10.35
CA ILE A 295 0.18 8.95 -10.94
C ILE A 295 1.68 9.03 -11.18
N GLY A 296 2.21 10.18 -11.56
CA GLY A 296 3.63 10.38 -11.76
C GLY A 296 4.47 10.41 -10.49
N VAL A 297 3.86 10.30 -9.32
CA VAL A 297 4.58 10.12 -8.07
C VAL A 297 4.43 8.71 -7.51
N THR A 298 3.25 8.10 -7.63
CA THR A 298 3.03 6.74 -7.17
C THR A 298 3.65 5.70 -8.10
N SER A 299 3.99 6.08 -9.33
CA SER A 299 4.67 5.15 -10.25
C SER A 299 6.17 5.11 -9.99
N VAL A 300 6.81 6.26 -9.80
CA VAL A 300 8.26 6.28 -9.59
C VAL A 300 8.65 5.79 -8.21
N LEU A 301 7.70 5.68 -7.27
CA LEU A 301 7.98 5.03 -5.99
C LEU A 301 7.69 3.54 -6.02
N LEU A 302 7.12 3.02 -7.10
CA LEU A 302 7.03 1.58 -7.30
C LEU A 302 8.12 1.05 -8.21
N LEU A 303 9.03 1.91 -8.65
CA LEU A 303 10.23 1.50 -9.36
C LEU A 303 11.48 1.71 -8.51
N PHE A 304 11.28 1.96 -7.22
CA PHE A 304 12.32 1.75 -6.23
C PHE A 304 11.98 0.62 -5.27
N ILE A 305 10.95 -0.17 -5.56
CA ILE A 305 10.61 -1.36 -4.78
C ILE A 305 10.88 -2.63 -5.59
N VAL A 306 10.88 -2.52 -6.92
CA VAL A 306 11.12 -3.68 -7.78
C VAL A 306 12.58 -3.55 -8.23
N TYR A 307 13.32 -2.67 -7.58
CA TYR A 307 14.78 -2.68 -7.64
C TYR A 307 15.40 -2.99 -6.30
N ALA A 308 14.74 -2.66 -5.20
CA ALA A 308 15.25 -2.92 -3.87
C ALA A 308 14.93 -4.32 -3.36
N TYR A 309 14.22 -5.14 -4.13
CA TYR A 309 14.14 -6.56 -3.85
C TYR A 309 14.73 -7.41 -4.98
N MET A 310 15.43 -6.79 -5.92
CA MET A 310 16.18 -7.49 -6.95
C MET A 310 17.65 -7.15 -6.88
N TYR A 311 18.08 -6.67 -5.71
CA TYR A 311 19.48 -6.53 -5.37
C TYR A 311 19.81 -7.32 -4.12
N ILE A 312 18.81 -7.66 -3.31
CA ILE A 312 18.96 -8.58 -2.20
C ILE A 312 18.99 -10.03 -2.71
N LEU A 313 18.32 -10.30 -3.82
CA LEU A 313 18.37 -11.62 -4.41
C LEU A 313 19.54 -11.79 -5.37
N TRP A 314 20.30 -10.73 -5.65
CA TRP A 314 21.57 -10.87 -6.35
C TRP A 314 22.77 -10.84 -5.41
N LYS A 315 22.71 -10.07 -4.33
CA LYS A 315 23.81 -10.04 -3.39
C LYS A 315 23.87 -11.27 -2.51
N ALA A 316 22.72 -11.84 -2.14
CA ALA A 316 22.69 -13.11 -1.41
C ALA A 316 22.84 -14.32 -2.32
N HIS A 317 23.13 -14.14 -3.60
CA HIS A 317 23.38 -15.28 -4.48
C HIS A 317 24.86 -15.48 -4.78
N SER A 318 25.58 -14.39 -5.06
CA SER A 318 27.03 -14.48 -5.24
C SER A 318 27.69 -14.87 -3.92
N HIS A 319 27.17 -14.34 -2.82
CA HIS A 319 27.58 -14.72 -1.47
C HIS A 319 27.29 -16.19 -1.16
N ALA A 320 26.23 -16.74 -1.74
CA ALA A 320 25.83 -18.13 -1.52
C ALA A 320 26.86 -19.14 -2.04
N VAL A 321 27.74 -18.71 -2.93
CA VAL A 321 28.77 -19.60 -3.47
C VAL A 321 29.84 -19.90 -2.43
N ARG A 322 30.35 -18.85 -1.77
CA ARG A 322 31.58 -18.98 -1.00
C ARG A 322 31.40 -19.63 0.36
N MET A 323 30.45 -19.17 1.17
CA MET A 323 30.27 -19.68 2.52
C MET A 323 29.37 -20.90 2.58
N ILE A 324 29.26 -21.64 1.47
CA ILE A 324 28.53 -22.90 1.41
C ILE A 324 29.40 -23.96 0.76
N GLN A 325 29.94 -23.67 -0.42
CA GLN A 325 30.80 -24.59 -1.15
C GLN A 325 32.25 -24.57 -0.66
N ARG A 326 32.84 -23.39 -0.55
CA ARG A 326 34.21 -23.25 -0.06
C ARG A 326 34.26 -23.14 1.46
N GLY A 327 33.25 -22.50 2.06
CA GLY A 327 33.32 -21.94 3.39
C GLY A 327 33.45 -22.86 4.58
N THR A 328 32.89 -24.05 4.50
CA THR A 328 32.90 -24.99 5.62
C THR A 328 33.93 -26.10 5.39
N ALA A 350 22.60 -21.72 -2.41
CA ALA A 350 21.95 -23.02 -2.51
C ALA A 350 21.37 -23.46 -1.17
N ARG A 351 21.65 -22.67 -0.13
CA ARG A 351 21.09 -22.93 1.20
C ARG A 351 20.45 -21.68 1.74
N MET A 352 20.99 -20.52 1.36
CA MET A 352 20.52 -19.22 1.81
C MET A 352 19.67 -18.48 0.78
N ASP A 353 20.00 -18.58 -0.49
CA ASP A 353 19.23 -17.89 -1.52
C ASP A 353 18.03 -18.67 -2.03
N ILE A 354 17.62 -19.75 -1.34
CA ILE A 354 16.39 -20.46 -1.66
C ILE A 354 15.36 -20.28 -0.55
N ARG A 355 15.76 -19.79 0.62
CA ARG A 355 14.81 -19.35 1.63
C ARG A 355 14.50 -17.86 1.53
N LEU A 356 15.22 -17.11 0.71
CA LEU A 356 14.84 -15.76 0.32
C LEU A 356 14.36 -15.67 -1.12
N ALA A 357 14.01 -16.80 -1.74
CA ALA A 357 13.48 -16.77 -3.10
C ALA A 357 12.10 -17.41 -3.16
N LYS A 358 11.46 -17.59 -2.01
CA LYS A 358 10.07 -18.05 -1.99
C LYS A 358 9.22 -17.20 -1.07
N THR A 359 9.79 -16.14 -0.47
CA THR A 359 9.01 -15.09 0.17
C THR A 359 9.17 -13.80 -0.62
N LEU A 360 10.30 -13.62 -1.29
CA LEU A 360 10.62 -12.36 -1.97
C LEU A 360 10.00 -12.33 -3.37
N VAL A 361 9.32 -13.41 -3.75
CA VAL A 361 8.64 -13.48 -5.03
C VAL A 361 7.15 -13.27 -4.75
N LEU A 362 6.73 -13.54 -3.52
CA LEU A 362 5.34 -13.33 -3.15
C LEU A 362 5.03 -11.86 -2.88
N ILE A 363 6.05 -11.06 -2.57
CA ILE A 363 5.87 -9.65 -2.28
C ILE A 363 5.75 -8.90 -3.61
N LEU A 364 6.31 -9.47 -4.66
CA LEU A 364 6.27 -8.82 -5.97
C LEU A 364 5.21 -9.42 -6.89
N VAL A 365 4.28 -10.21 -6.38
CA VAL A 365 3.21 -10.77 -7.19
C VAL A 365 1.89 -10.45 -6.49
N VAL A 366 1.97 -9.68 -5.40
CA VAL A 366 0.78 -9.22 -4.71
C VAL A 366 0.80 -7.70 -4.78
N LEU A 367 1.83 -7.17 -5.42
CA LEU A 367 1.98 -5.72 -5.56
C LEU A 367 1.68 -5.31 -6.99
N ILE A 368 2.01 -6.16 -7.95
CA ILE A 368 1.87 -5.81 -9.35
C ILE A 368 0.47 -6.19 -9.84
N ILE A 369 -0.30 -6.88 -8.99
CA ILE A 369 -1.67 -7.25 -9.36
C ILE A 369 -2.62 -6.50 -8.41
N CYS A 370 -2.11 -5.44 -7.79
CA CYS A 370 -2.97 -4.60 -6.96
C CYS A 370 -2.69 -3.11 -7.18
N TRP A 371 -1.67 -2.82 -7.98
CA TRP A 371 -1.37 -1.44 -8.34
C TRP A 371 -1.07 -1.33 -9.83
N GLY A 372 -1.46 -2.33 -10.60
CA GLY A 372 -1.22 -2.37 -12.02
C GLY A 372 -2.45 -2.36 -12.92
N PRO A 373 -3.57 -3.02 -12.53
CA PRO A 373 -4.82 -2.75 -13.26
C PRO A 373 -5.40 -1.37 -13.01
N LEU A 374 -5.42 -0.89 -11.75
CA LEU A 374 -6.09 0.37 -11.48
C LEU A 374 -5.23 1.57 -11.87
N LEU A 375 -3.90 1.41 -11.89
CA LEU A 375 -3.04 2.45 -12.42
C LEU A 375 -2.93 2.40 -13.94
N ALA A 376 -3.72 1.55 -14.60
CA ALA A 376 -3.77 1.54 -16.06
C ALA A 376 -5.04 2.21 -16.57
N ILE A 377 -6.17 1.98 -15.91
CA ILE A 377 -7.44 2.61 -16.27
C ILE A 377 -7.37 4.10 -16.01
N MET A 378 -6.68 4.49 -14.93
CA MET A 378 -6.53 5.89 -14.58
C MET A 378 -5.60 6.63 -15.53
N VAL A 379 -4.83 5.90 -16.34
CA VAL A 379 -4.06 6.49 -17.43
C VAL A 379 -4.88 6.62 -18.71
N TYR A 380 -5.85 5.73 -18.94
CA TYR A 380 -6.68 5.74 -20.13
C TYR A 380 -7.59 6.97 -20.24
N ASP A 381 -7.73 7.76 -19.17
CA ASP A 381 -8.45 9.02 -19.25
C ASP A 381 -7.58 10.11 -19.87
N VAL A 382 -6.36 10.26 -19.37
CA VAL A 382 -5.44 11.30 -19.83
C VAL A 382 -4.91 10.91 -21.21
N PHE A 383 -4.74 9.61 -21.46
CA PHE A 383 -4.06 9.12 -22.66
C PHE A 383 -5.01 8.88 -23.82
N GLY A 384 -6.15 9.55 -23.85
CA GLY A 384 -7.02 9.47 -25.01
C GLY A 384 -8.49 9.70 -24.71
N LYS A 385 -9.35 9.00 -25.43
CA LYS A 385 -10.79 9.14 -25.31
C LYS A 385 -11.32 8.21 -24.22
N MET A 386 -12.52 8.52 -23.74
CA MET A 386 -13.21 7.69 -22.77
C MET A 386 -14.50 7.20 -23.39
N ASN A 387 -15.10 6.20 -22.75
CA ASN A 387 -16.31 5.57 -23.26
C ASN A 387 -17.20 5.14 -22.11
N LYS A 388 -18.17 4.27 -22.39
CA LYS A 388 -19.19 3.91 -21.39
C LYS A 388 -18.78 2.68 -20.60
N LEU A 389 -18.26 1.64 -21.24
CA LEU A 389 -18.06 0.35 -20.59
C LEU A 389 -16.82 0.30 -19.70
N ILE A 390 -16.07 1.39 -19.61
CA ILE A 390 -14.88 1.44 -18.76
C ILE A 390 -15.32 2.11 -17.46
N LYS A 391 -16.45 2.80 -17.48
CA LYS A 391 -17.00 3.37 -16.25
C LYS A 391 -17.67 2.32 -15.37
N THR A 392 -17.99 1.15 -15.90
CA THR A 392 -18.62 0.09 -15.12
C THR A 392 -17.62 -0.92 -14.58
N VAL A 393 -16.38 -0.90 -15.04
CA VAL A 393 -15.37 -1.84 -14.60
C VAL A 393 -14.34 -1.18 -13.69
N PHE A 394 -14.39 0.15 -13.58
CA PHE A 394 -13.58 0.85 -12.60
C PHE A 394 -14.15 0.71 -11.19
N ALA A 395 -15.42 0.36 -11.07
CA ALA A 395 -16.07 0.15 -9.78
C ALA A 395 -15.80 -1.24 -9.21
N PHE A 396 -15.24 -2.15 -10.02
CA PHE A 396 -14.71 -3.40 -9.50
C PHE A 396 -13.20 -3.44 -9.48
N CYS A 397 -12.52 -2.53 -10.18
CA CYS A 397 -11.06 -2.40 -10.15
C CYS A 397 -10.63 -1.41 -9.07
N SER A 398 -11.57 -0.99 -8.23
CA SER A 398 -11.28 -0.16 -7.07
C SER A 398 -11.40 -0.91 -5.75
N MET A 399 -12.06 -2.07 -5.73
CA MET A 399 -12.07 -2.93 -4.56
C MET A 399 -10.82 -3.78 -4.43
N LEU A 400 -9.83 -3.61 -5.32
CA LEU A 400 -8.55 -4.27 -5.12
C LEU A 400 -7.76 -3.64 -3.98
N CYS A 401 -8.07 -2.39 -3.63
CA CYS A 401 -7.42 -1.74 -2.51
C CYS A 401 -7.83 -2.32 -1.16
N LEU A 402 -8.99 -2.96 -1.08
CA LEU A 402 -9.36 -3.74 0.10
C LEU A 402 -8.90 -5.18 -0.01
N LEU A 403 -8.24 -5.55 -1.10
CA LEU A 403 -7.51 -6.80 -1.16
C LEU A 403 -6.04 -6.62 -0.83
N ASN A 404 -5.45 -5.48 -1.19
CA ASN A 404 -4.12 -5.14 -0.75
C ASN A 404 -4.19 -4.31 0.53
N SER A 405 -5.02 -4.73 1.48
CA SER A 405 -5.01 -4.24 2.85
C SER A 405 -5.17 -5.41 3.79
N THR A 406 -5.75 -6.50 3.27
CA THR A 406 -5.97 -7.71 4.04
C THR A 406 -4.73 -8.59 4.07
N VAL A 407 -4.01 -8.70 2.95
CA VAL A 407 -2.90 -9.63 2.81
C VAL A 407 -1.61 -9.05 3.38
N ASN A 408 -1.58 -7.75 3.64
CA ASN A 408 -0.39 -7.11 4.18
C ASN A 408 0.00 -7.59 5.59
N PRO A 409 -0.94 -7.86 6.53
CA PRO A 409 -0.51 -8.61 7.73
C PRO A 409 -0.58 -10.12 7.56
N ILE A 410 -0.15 -10.64 6.41
CA ILE A 410 0.03 -12.08 6.20
C ILE A 410 1.43 -12.23 5.62
N ILE A 411 2.01 -11.11 5.18
CA ILE A 411 3.27 -11.14 4.45
C ILE A 411 4.33 -10.41 5.25
N TYR A 412 3.94 -9.41 6.03
CA TYR A 412 4.90 -8.63 6.80
C TYR A 412 4.89 -8.92 8.29
N ALA A 413 3.77 -9.37 8.86
CA ALA A 413 3.68 -9.60 10.29
C ALA A 413 3.80 -11.10 10.51
N LEU A 414 3.21 -11.93 9.68
CA LEU A 414 3.25 -13.37 9.89
C LEU A 414 4.63 -13.94 9.57
N ARG A 415 5.26 -13.47 8.49
CA ARG A 415 6.58 -13.96 8.10
C ARG A 415 7.68 -13.39 8.97
N SER A 416 7.72 -13.75 10.25
CA SER A 416 8.78 -13.35 11.16
C SER A 416 8.87 -14.36 12.29
N LYS A 417 10.01 -14.33 12.98
CA LYS A 417 10.23 -15.19 14.14
C LYS A 417 10.06 -14.47 15.46
N ASP A 418 10.03 -13.14 15.47
CA ASP A 418 9.80 -12.38 16.69
C ASP A 418 8.31 -12.14 16.94
N LEU A 419 7.58 -11.71 15.91
CA LEU A 419 6.16 -11.42 16.06
C LEU A 419 5.29 -12.67 16.16
N ARG A 420 5.82 -13.84 15.83
CA ARG A 420 5.06 -15.07 15.93
C ARG A 420 5.33 -15.81 17.24
N HIS A 421 6.41 -15.44 17.95
CA HIS A 421 6.70 -16.00 19.25
C HIS A 421 6.22 -15.11 20.40
N ALA A 422 6.21 -13.79 20.19
CA ALA A 422 5.68 -12.86 21.18
C ALA A 422 4.17 -13.01 21.31
N PHE A 423 3.52 -13.40 20.22
CA PHE A 423 2.08 -13.69 20.23
C PHE A 423 1.79 -14.95 21.05
N ARG A 424 2.67 -15.94 20.96
CA ARG A 424 2.48 -17.26 21.56
C ARG A 424 2.51 -17.20 23.08
N SER A 425 3.23 -16.23 23.64
CA SER A 425 3.42 -16.16 25.08
C SER A 425 2.38 -15.30 25.80
N MET A 426 1.55 -14.55 25.08
CA MET A 426 0.47 -13.79 25.69
C MET A 426 -0.78 -13.81 24.83
C01 YVF B . -15.69 8.71 -7.69
C03 YVF B . -15.78 8.16 -5.42
C04 YVF B . -15.11 7.63 -4.16
C05 YVF B . -15.16 8.67 -3.06
C06 YVF B . -16.23 9.59 -2.84
C07 YVF B . -15.88 10.48 -1.64
C08 YVF B . -14.62 10.11 -1.11
C10 YVF B . -15.89 6.43 -3.62
C12 YVF B . -13.20 6.35 -5.35
C13 YVF B . -11.70 6.10 -5.44
C16 YVF B . -8.31 7.15 -5.39
C17 YVF B . -8.29 8.33 -6.10
C18 YVF B . -7.17 9.14 -6.07
C19 YVF B . -7.16 10.44 -6.86
C23 YVF B . -6.07 8.78 -5.31
C24 YVF B . -6.09 7.59 -4.60
C25 YVF B . -7.22 6.79 -4.62
C26 YVF B . -9.74 5.07 -5.68
C27 YVF B . -8.75 3.93 -5.91
C28 YVF B . -11.10 4.89 -5.67
F20 YVF B . -6.87 10.17 -8.15
F21 YVF B . -6.21 11.28 -6.35
F22 YVF B . -8.38 11.04 -6.77
N11 YVF B . -13.70 7.29 -4.36
N14 YVF B . -10.73 7.01 -5.33
N15 YVF B . -9.54 6.37 -5.47
O02 YVF B . -15.02 8.65 -6.47
O29 YVF B . -13.91 5.78 -6.11
O30 YVF B . -16.96 8.14 -5.50
S09 YVF B . -13.99 8.89 -1.97
#